data_1YNW
#
_entry.id   1YNW
#
_cell.length_a   123.104
_cell.length_b   57.049
_cell.length_c   73.438
_cell.angle_alpha   90.00
_cell.angle_beta   110.31
_cell.angle_gamma   90.00
#
_symmetry.space_group_name_H-M   'C 1 2 1'
#
loop_
_entity.id
_entity.type
_entity.pdbx_description
1 polymer "5'-d(*TP*TP*AP*GP*GP*TP*CP*AP*CP*GP*AP*AP*GP*GP*TP*CP*AP*A)-3'"
2 polymer "5'-d(*TP*TP*TP*GP*AP*CP*CP*TP*TP*CP*GP*TP*GP*AP*CP*CP*TP*A)-3'"
3 polymer 'Vitamin D3 Receptor'
4 polymer 'Retinoic acid receptor RXR-alpha'
5 non-polymer 'ZINC ION'
#
loop_
_entity_poly.entity_id
_entity_poly.type
_entity_poly.pdbx_seq_one_letter_code
_entity_poly.pdbx_strand_id
1 'polydeoxyribonucleotide' (DT)(DT)(DA)(DG)(DG)(DT)(DC)(DA)(DC)(DG)(DA)(DA)(DG)(DG)(DT)(DC)(DA)(DA) C
2 'polydeoxyribonucleotide' (DT)(DT)(DT)(DG)(DA)(DC)(DC)(DT)(DT)(DC)(DG)(DT)(DG)(DA)(DC)(DC)(DT)(DA) D
3 'polypeptide(L)'
;FDRNVPRICGVCGDRATGFHFNAMTCEGCKGFFRRSMKRKALFTCAANGDCRITKDNRRACQACRLKRCVDIGMMKEFIL
TDEEVQRKREMILKRKEEEALKDSLRPKLS
;
A
4 'polypeptide(L)'
;FTKHICAICGDRSSGKHYGVYSCEGCKGFFKRTVRKDLTYTCRDNKDCLIDKRQRNRCQYCRYQKCLAMGMKREAVQEER
QRGKDRNENEVESTSSANE
;
B
#
loop_
_chem_comp.id
_chem_comp.type
_chem_comp.name
_chem_comp.formula
DA DNA linking 2'-DEOXYADENOSINE-5'-MONOPHOSPHATE 'C10 H14 N5 O6 P'
DC DNA linking 2'-DEOXYCYTIDINE-5'-MONOPHOSPHATE 'C9 H14 N3 O7 P'
DG DNA linking 2'-DEOXYGUANOSINE-5'-MONOPHOSPHATE 'C10 H14 N5 O7 P'
DT DNA linking THYMIDINE-5'-MONOPHOSPHATE 'C10 H15 N2 O8 P'
ZN non-polymer 'ZINC ION' 'Zn 2'
#
# COMPACT_ATOMS: atom_id res chain seq x y z
N ARG C 3 6.07 29.52 -8.72
CA ARG C 3 5.10 30.30 -7.88
C ARG C 3 5.80 30.75 -6.62
N ASN C 4 6.95 30.11 -6.33
CA ASN C 4 7.80 30.40 -5.14
C ASN C 4 7.35 29.73 -3.80
N VAL C 5 6.28 28.93 -3.81
CA VAL C 5 5.84 28.28 -2.58
C VAL C 5 6.52 26.91 -2.48
N PRO C 6 7.09 26.60 -1.29
CA PRO C 6 7.82 25.37 -0.96
C PRO C 6 7.40 24.08 -1.68
N ARG C 7 8.40 23.44 -2.33
CA ARG C 7 8.24 22.19 -3.05
C ARG C 7 7.99 20.97 -2.11
N ILE C 8 7.14 21.16 -1.09
CA ILE C 8 6.83 20.11 -0.13
C ILE C 8 5.33 19.67 -0.17
N CYS C 9 5.12 18.39 -0.47
CA CYS C 9 3.76 17.88 -0.52
C CYS C 9 3.01 18.02 0.79
N GLY C 10 1.81 18.59 0.69
CA GLY C 10 0.98 18.79 1.86
C GLY C 10 0.19 17.56 2.25
N VAL C 11 0.37 16.47 1.53
CA VAL C 11 -0.33 15.26 1.89
C VAL C 11 0.67 14.43 2.70
N CYS C 12 1.75 14.02 2.04
CA CYS C 12 2.77 13.17 2.63
C CYS C 12 4.15 13.73 2.96
N GLY C 13 4.29 15.06 2.98
CA GLY C 13 5.60 15.64 3.30
C GLY C 13 6.75 15.30 2.35
N ASP C 14 6.51 14.39 1.40
CA ASP C 14 7.50 14.00 0.39
C ASP C 14 7.91 15.28 -0.38
N ARG C 15 8.80 15.16 -1.35
CA ARG C 15 9.21 16.34 -2.12
C ARG C 15 8.11 16.61 -3.15
N ALA C 16 7.54 17.80 -3.17
CA ALA C 16 6.50 18.12 -4.15
C ALA C 16 7.08 18.55 -5.49
N THR C 17 6.46 18.15 -6.60
CA THR C 17 6.95 18.60 -7.92
C THR C 17 6.12 19.81 -8.36
N GLY C 18 5.44 20.43 -7.41
CA GLY C 18 4.65 21.59 -7.73
C GLY C 18 3.19 21.45 -7.33
N PHE C 19 2.34 22.07 -8.14
CA PHE C 19 0.91 22.05 -7.88
C PHE C 19 0.25 20.96 -8.68
N HIS C 20 -0.84 20.46 -8.12
CA HIS C 20 -1.61 19.45 -8.77
C HIS C 20 -3.02 19.67 -8.26
N PHE C 21 -3.97 19.56 -9.17
CA PHE C 21 -5.37 19.77 -8.88
C PHE C 21 -5.54 20.72 -7.69
N ASN C 22 -4.84 21.85 -7.80
CA ASN C 22 -4.85 22.99 -6.88
C ASN C 22 -4.25 22.93 -5.48
N ALA C 23 -3.22 22.12 -5.29
CA ALA C 23 -2.53 22.05 -3.99
C ALA C 23 -1.12 21.50 -4.21
N MET C 24 -0.15 21.98 -3.41
CA MET C 24 1.25 21.56 -3.55
C MET C 24 1.43 20.07 -3.15
N THR C 25 1.63 19.20 -4.14
CA THR C 25 1.75 17.76 -3.87
C THR C 25 2.84 16.98 -4.60
N CYS C 26 3.20 15.83 -4.05
CA CYS C 26 4.24 14.99 -4.65
C CYS C 26 3.65 14.36 -5.90
N GLU C 27 4.49 13.91 -6.81
CA GLU C 27 3.98 13.29 -8.03
C GLU C 27 3.16 12.06 -7.74
N GLY C 28 3.31 11.49 -6.55
CA GLY C 28 2.57 10.28 -6.23
C GLY C 28 1.16 10.51 -5.73
N CYS C 29 1.01 11.48 -4.82
CA CYS C 29 -0.29 11.80 -4.28
C CYS C 29 -1.15 12.42 -5.37
N LYS C 30 -0.52 13.09 -6.33
CA LYS C 30 -1.26 13.65 -7.46
C LYS C 30 -1.92 12.44 -8.11
N GLY C 31 -1.11 11.56 -8.71
CA GLY C 31 -1.65 10.36 -9.33
C GLY C 31 -2.73 9.69 -8.50
N PHE C 32 -2.52 9.62 -7.19
CA PHE C 32 -3.49 9.01 -6.31
C PHE C 32 -4.81 9.79 -6.38
N PHE C 33 -4.78 11.02 -5.88
CA PHE C 33 -5.97 11.85 -5.85
C PHE C 33 -6.83 11.79 -7.10
N ARG C 34 -6.19 11.77 -8.26
CA ARG C 34 -6.98 11.71 -9.47
C ARG C 34 -7.65 10.35 -9.63
N ARG C 35 -6.85 9.29 -9.80
CA ARG C 35 -7.43 7.96 -9.96
C ARG C 35 -8.60 7.83 -8.98
N SER C 36 -8.34 8.18 -7.72
CA SER C 36 -9.36 8.10 -6.66
C SER C 36 -10.71 8.67 -7.13
N MET C 37 -10.69 9.94 -7.53
CA MET C 37 -11.89 10.57 -7.99
C MET C 37 -12.39 9.92 -9.27
N LYS C 38 -11.54 9.83 -10.30
CA LYS C 38 -12.02 9.25 -11.53
C LYS C 38 -12.71 7.91 -11.36
N ARG C 39 -12.24 7.09 -10.39
CA ARG C 39 -12.80 5.75 -10.11
C ARG C 39 -13.92 5.81 -9.03
N LYS C 40 -14.06 6.98 -8.42
CA LYS C 40 -15.08 7.21 -7.41
C LYS C 40 -14.92 6.35 -6.18
N ALA C 41 -13.71 5.82 -5.98
CA ALA C 41 -13.39 4.95 -4.85
C ALA C 41 -13.93 5.35 -3.48
N LEU C 42 -14.20 4.32 -2.67
CA LEU C 42 -14.74 4.48 -1.31
C LEU C 42 -13.81 3.86 -0.28
N PHE C 43 -12.73 4.55 0.05
CA PHE C 43 -11.82 4.03 1.04
C PHE C 43 -12.40 4.17 2.42
N THR C 44 -11.98 3.28 3.32
CA THR C 44 -12.41 3.29 4.72
C THR C 44 -11.20 2.86 5.57
N CYS C 45 -10.80 3.75 6.46
CA CYS C 45 -9.65 3.55 7.31
C CYS C 45 -9.87 2.54 8.42
N ALA C 46 -9.06 1.47 8.48
CA ALA C 46 -9.22 0.47 9.55
C ALA C 46 -9.15 1.18 10.90
N ALA C 47 -8.08 1.94 11.13
CA ALA C 47 -7.91 2.65 12.38
C ALA C 47 -9.12 3.51 12.76
N ASN C 48 -8.88 4.52 13.57
CA ASN C 48 -9.96 5.40 14.00
C ASN C 48 -9.95 6.66 13.18
N GLY C 49 -9.83 6.44 11.86
CA GLY C 49 -9.82 7.51 10.87
C GLY C 49 -8.91 8.67 11.19
N ASP C 50 -7.63 8.40 11.39
CA ASP C 50 -6.74 9.51 11.68
C ASP C 50 -5.26 9.24 11.68
N CYS C 51 -4.83 8.37 10.78
CA CYS C 51 -3.41 8.06 10.69
C CYS C 51 -2.65 9.32 10.21
N ARG C 52 -1.33 9.30 10.35
CA ARG C 52 -0.50 10.42 9.89
C ARG C 52 0.20 10.00 8.58
N ILE C 53 -0.07 10.78 7.54
CA ILE C 53 0.50 10.52 6.22
C ILE C 53 1.97 10.95 6.21
N THR C 54 2.84 10.08 5.70
CA THR C 54 4.25 10.41 5.64
C THR C 54 4.79 9.85 4.33
N LYS C 55 5.84 10.48 3.83
CA LYS C 55 6.47 10.04 2.60
C LYS C 55 6.59 8.52 2.59
N ASP C 56 6.74 7.90 3.76
CA ASP C 56 6.91 6.44 3.76
C ASP C 56 5.72 5.55 4.04
N ASN C 57 4.84 5.96 4.94
CA ASN C 57 3.69 5.13 5.26
C ASN C 57 2.51 5.35 4.35
N ARG C 58 2.37 6.58 3.84
CA ARG C 58 1.24 6.97 2.99
C ARG C 58 0.38 5.80 2.44
N ARG C 59 0.90 5.07 1.47
CA ARG C 59 0.21 3.92 0.87
C ARG C 59 -0.54 2.94 1.86
N ALA C 60 -0.29 3.11 3.16
CA ALA C 60 -0.86 2.29 4.24
C ALA C 60 -2.36 2.42 4.29
N CYS C 61 -2.85 3.60 4.69
CA CYS C 61 -4.30 3.89 4.82
C CYS C 61 -4.83 4.86 3.73
N GLN C 62 -5.36 4.32 2.63
CA GLN C 62 -5.87 5.16 1.55
C GLN C 62 -6.94 6.12 2.04
N ALA C 63 -7.99 5.59 2.64
CA ALA C 63 -9.01 6.47 3.12
C ALA C 63 -8.43 7.76 3.73
N CYS C 64 -7.46 7.65 4.61
CA CYS C 64 -6.93 8.87 5.21
C CYS C 64 -6.16 9.75 4.20
N ARG C 65 -5.35 9.13 3.35
CA ARG C 65 -4.58 9.87 2.32
C ARG C 65 -5.56 10.73 1.56
N LEU C 66 -6.52 10.06 0.93
CA LEU C 66 -7.56 10.78 0.20
C LEU C 66 -8.14 11.93 1.03
N LYS C 67 -8.72 11.62 2.18
CA LYS C 67 -9.32 12.66 3.00
C LYS C 67 -8.34 13.80 3.24
N ARG C 68 -7.07 13.43 3.37
CA ARG C 68 -6.04 14.44 3.59
C ARG C 68 -5.86 15.26 2.30
N CYS C 69 -5.77 14.58 1.15
CA CYS C 69 -5.64 15.26 -0.14
C CYS C 69 -6.71 16.37 -0.15
N VAL C 70 -7.95 15.91 0.02
CA VAL C 70 -9.12 16.78 0.08
C VAL C 70 -9.03 17.95 1.06
N ASP C 71 -8.55 17.72 2.27
CA ASP C 71 -8.46 18.83 3.19
C ASP C 71 -7.46 19.90 2.81
N ILE C 72 -6.33 19.55 2.20
CA ILE C 72 -5.38 20.62 1.84
C ILE C 72 -5.87 21.33 0.57
N GLY C 73 -7.14 21.11 0.22
CA GLY C 73 -7.73 21.77 -0.93
C GLY C 73 -7.73 21.21 -2.34
N MET C 74 -7.18 20.04 -2.58
CA MET C 74 -7.22 19.55 -3.95
C MET C 74 -8.66 19.48 -4.49
N MET C 75 -8.88 20.02 -5.70
CA MET C 75 -10.22 19.99 -6.30
C MET C 75 -10.39 19.04 -7.47
N LYS C 76 -11.52 18.34 -7.49
CA LYS C 76 -11.84 17.43 -8.60
C LYS C 76 -12.09 18.28 -9.84
N GLU C 77 -12.61 19.50 -9.59
CA GLU C 77 -12.91 20.51 -10.62
C GLU C 77 -11.80 20.55 -11.65
N PHE C 78 -10.56 20.52 -11.17
CA PHE C 78 -9.37 20.55 -12.02
C PHE C 78 -9.15 19.24 -12.77
N ILE C 79 -9.96 18.22 -12.57
CA ILE C 79 -9.73 16.98 -13.34
C ILE C 79 -10.52 16.91 -14.60
N LEU C 80 -9.84 16.99 -15.73
CA LEU C 80 -10.51 16.94 -17.03
C LEU C 80 -11.52 15.84 -17.08
N THR C 81 -12.63 16.07 -17.77
CA THR C 81 -13.64 15.03 -17.91
C THR C 81 -13.11 14.00 -18.91
N ASP C 82 -13.89 12.97 -19.15
CA ASP C 82 -13.48 11.95 -20.11
C ASP C 82 -13.65 12.67 -21.44
N GLU C 83 -14.78 13.36 -21.55
CA GLU C 83 -15.15 14.13 -22.74
C GLU C 83 -13.95 14.97 -23.17
N GLU C 84 -13.72 16.09 -22.46
CA GLU C 84 -12.63 17.02 -22.74
C GLU C 84 -11.43 16.37 -23.39
N VAL C 85 -10.92 15.34 -22.72
CA VAL C 85 -9.77 14.56 -23.19
C VAL C 85 -9.93 13.98 -24.60
N GLN C 86 -10.93 13.09 -24.78
CA GLN C 86 -11.20 12.46 -26.09
C GLN C 86 -11.06 13.60 -27.10
N ARG C 87 -11.94 14.60 -26.92
CA ARG C 87 -11.97 15.79 -27.78
C ARG C 87 -10.61 16.33 -28.14
N LYS C 88 -9.90 16.94 -27.17
CA LYS C 88 -8.57 17.50 -27.45
C LYS C 88 -7.74 16.46 -28.17
N ARG C 89 -7.60 15.29 -27.54
CA ARG C 89 -6.81 14.20 -28.09
C ARG C 89 -7.06 14.09 -29.60
N GLU C 90 -8.33 14.17 -30.00
CA GLU C 90 -8.72 14.09 -31.40
C GLU C 90 -8.22 15.25 -32.26
N MET C 91 -8.70 16.46 -31.94
CA MET C 91 -8.34 17.68 -32.66
C MET C 91 -6.85 17.71 -32.90
N ILE C 92 -6.09 17.47 -31.84
CA ILE C 92 -4.63 17.44 -31.95
C ILE C 92 -4.18 16.36 -32.93
N LEU C 93 -4.66 15.14 -32.71
CA LEU C 93 -4.34 14.01 -33.57
C LEU C 93 -4.67 14.30 -35.04
N LYS C 94 -5.85 14.87 -35.29
CA LYS C 94 -6.21 15.17 -36.68
C LYS C 94 -5.14 16.15 -37.22
N ARG C 95 -4.73 17.12 -36.40
CA ARG C 95 -3.73 18.08 -36.82
C ARG C 95 -2.33 17.45 -36.80
N LYS C 96 -2.27 16.16 -37.14
CA LYS C 96 -1.01 15.45 -37.26
C LYS C 96 -1.01 15.23 -38.78
N GLU C 97 -2.19 15.45 -39.35
CA GLU C 97 -2.46 15.35 -40.79
C GLU C 97 -1.33 16.01 -41.62
N GLU C 98 -0.44 15.16 -42.12
CA GLU C 98 0.71 15.58 -42.93
C GLU C 98 0.68 14.94 -44.33
N ILE D 5 15.53 -12.48 0.76
CA ILE D 5 15.68 -13.40 1.94
C ILE D 5 14.46 -13.41 2.89
N CYS D 6 13.96 -14.61 3.18
CA CYS D 6 12.80 -14.72 4.03
C CYS D 6 13.16 -14.66 5.50
N ALA D 7 12.73 -13.60 6.18
CA ALA D 7 13.03 -13.43 7.60
C ALA D 7 12.45 -14.56 8.43
N ILE D 8 11.67 -15.43 7.79
CA ILE D 8 11.08 -16.54 8.51
C ILE D 8 11.85 -17.85 8.32
N CYS D 9 11.76 -18.45 7.13
CA CYS D 9 12.49 -19.70 6.91
C CYS D 9 13.87 -19.50 6.28
N GLY D 10 14.15 -18.30 5.79
CA GLY D 10 15.44 -18.05 5.20
C GLY D 10 15.45 -18.20 3.69
N ASP D 11 14.85 -19.30 3.21
CA ASP D 11 14.72 -19.60 1.78
C ASP D 11 14.52 -18.30 0.94
N ARG D 12 14.69 -18.38 -0.38
CA ARG D 12 14.57 -17.20 -1.23
C ARG D 12 13.32 -16.40 -0.96
N SER D 13 13.42 -15.07 -1.09
CA SER D 13 12.26 -14.22 -0.85
C SER D 13 11.61 -13.60 -2.09
N SER D 14 10.39 -14.02 -2.38
CA SER D 14 9.64 -13.48 -3.49
C SER D 14 9.57 -11.91 -3.36
N GLY D 15 9.58 -11.44 -2.11
CA GLY D 15 9.50 -10.02 -1.80
C GLY D 15 8.70 -9.84 -0.51
N LYS D 16 8.52 -8.61 -0.05
CA LYS D 16 7.74 -8.38 1.17
C LYS D 16 6.32 -8.98 1.01
N HIS D 17 5.68 -9.25 2.14
CA HIS D 17 4.32 -9.81 2.16
C HIS D 17 3.79 -9.50 3.54
N TYR D 18 2.50 -9.22 3.66
CA TYR D 18 1.92 -8.87 4.94
C TYR D 18 2.95 -8.19 5.89
N GLY D 19 3.75 -7.29 5.31
CA GLY D 19 4.73 -6.52 6.05
C GLY D 19 6.15 -7.08 6.21
N VAL D 20 6.49 -8.20 5.58
CA VAL D 20 7.82 -8.79 5.78
C VAL D 20 8.38 -9.62 4.64
N TYR D 21 9.63 -9.40 4.27
CA TYR D 21 10.21 -10.22 3.22
C TYR D 21 9.93 -11.67 3.58
N SER D 22 9.63 -12.49 2.59
CA SER D 22 9.35 -13.87 2.89
C SER D 22 9.20 -14.72 1.64
N CYS D 23 9.57 -16.00 1.74
CA CYS D 23 9.47 -16.96 0.65
C CYS D 23 8.01 -17.10 0.28
N GLU D 24 7.71 -17.81 -0.80
CA GLU D 24 6.32 -18.04 -1.17
C GLU D 24 5.63 -18.90 -0.09
N GLY D 25 6.39 -19.89 0.38
CA GLY D 25 5.87 -20.80 1.39
C GLY D 25 5.36 -20.10 2.62
N CYS D 26 6.23 -19.33 3.26
CA CYS D 26 5.83 -18.62 4.45
C CYS D 26 4.70 -17.63 4.18
N LYS D 27 4.41 -17.39 2.91
CA LYS D 27 3.33 -16.47 2.57
C LYS D 27 2.05 -17.27 2.65
N GLY D 28 1.98 -18.35 1.87
CA GLY D 28 0.79 -19.19 1.89
C GLY D 28 0.44 -19.71 3.28
N PHE D 29 1.45 -20.20 3.99
CA PHE D 29 1.25 -20.73 5.32
C PHE D 29 0.67 -19.67 6.24
N PHE D 30 1.03 -18.41 6.02
CA PHE D 30 0.54 -17.33 6.87
C PHE D 30 -0.83 -16.86 6.44
N LYS D 31 -1.14 -17.05 5.16
CA LYS D 31 -2.45 -16.64 4.65
C LYS D 31 -3.37 -17.70 5.20
N ARG D 32 -3.23 -18.90 4.66
CA ARG D 32 -4.05 -20.02 5.10
C ARG D 32 -4.27 -19.93 6.61
N THR D 33 -3.19 -19.80 7.38
CA THR D 33 -3.34 -19.73 8.82
C THR D 33 -4.44 -18.77 9.26
N VAL D 34 -4.36 -17.52 8.80
CA VAL D 34 -5.34 -16.51 9.18
C VAL D 34 -6.75 -16.78 8.60
N ARG D 35 -6.87 -16.76 7.27
CA ARG D 35 -8.17 -17.02 6.60
C ARG D 35 -8.95 -18.17 7.25
N LYS D 36 -8.27 -19.08 7.92
CA LYS D 36 -8.92 -20.24 8.54
C LYS D 36 -8.80 -20.20 10.04
N ASP D 37 -8.17 -19.15 10.55
CA ASP D 37 -7.99 -19.03 11.99
C ASP D 37 -7.50 -20.32 12.65
N LEU D 38 -6.71 -21.10 11.93
CA LEU D 38 -6.21 -22.37 12.48
C LEU D 38 -5.37 -22.05 13.71
N THR D 39 -5.25 -23.02 14.60
CA THR D 39 -4.49 -22.87 15.83
C THR D 39 -3.64 -24.13 16.05
N TYR D 40 -2.32 -23.94 16.11
CA TYR D 40 -1.41 -25.07 16.27
C TYR D 40 -0.93 -25.17 17.71
N THR D 41 -0.43 -26.33 18.09
CA THR D 41 0.14 -26.50 19.45
C THR D 41 1.58 -27.00 19.32
N CYS D 42 2.47 -26.36 20.09
CA CYS D 42 3.90 -26.68 20.07
C CYS D 42 4.20 -28.01 20.76
N ARG D 43 4.84 -28.86 19.97
CA ARG D 43 5.23 -30.20 20.36
C ARG D 43 6.34 -30.25 21.42
N ASP D 44 7.06 -29.16 21.59
CA ASP D 44 8.17 -29.14 22.52
C ASP D 44 8.35 -27.89 23.37
N ASN D 45 9.52 -27.29 23.25
CA ASN D 45 9.87 -26.12 24.03
C ASN D 45 9.37 -24.75 23.50
N LYS D 46 8.71 -24.73 22.33
CA LYS D 46 8.22 -23.48 21.75
C LYS D 46 9.35 -22.53 21.35
N ASP D 47 10.45 -23.08 20.81
CA ASP D 47 11.58 -22.25 20.37
C ASP D 47 12.30 -23.05 19.30
N CYS D 48 11.54 -23.92 18.65
CA CYS D 48 12.04 -24.77 17.57
C CYS D 48 12.77 -23.94 16.53
N LEU D 49 13.77 -24.53 15.87
CA LEU D 49 14.49 -23.77 14.87
C LEU D 49 13.75 -23.88 13.55
N ILE D 50 13.42 -22.71 13.02
CA ILE D 50 12.70 -22.58 11.76
C ILE D 50 13.60 -22.18 10.58
N ASP D 51 13.70 -23.06 9.59
CA ASP D 51 14.51 -22.81 8.39
C ASP D 51 13.96 -23.59 7.21
N LYS D 52 14.46 -23.24 6.02
CA LYS D 52 14.01 -23.86 4.77
C LYS D 52 13.72 -25.35 4.88
N ARG D 53 14.68 -26.08 5.42
CA ARG D 53 14.55 -27.52 5.57
C ARG D 53 13.46 -27.93 6.57
N GLN D 54 13.56 -27.41 7.78
CA GLN D 54 12.61 -27.77 8.82
C GLN D 54 11.71 -26.60 9.21
N ARG D 55 10.96 -26.12 8.24
CA ARG D 55 10.07 -25.02 8.50
C ARG D 55 8.67 -25.62 8.70
N ASN D 56 8.52 -26.90 8.36
CA ASN D 56 7.22 -27.56 8.55
C ASN D 56 7.22 -28.42 9.81
N ARG D 57 8.38 -28.48 10.48
CA ARG D 57 8.52 -29.28 11.71
C ARG D 57 7.43 -28.94 12.75
N CYS D 58 7.21 -27.66 13.02
CA CYS D 58 6.19 -27.27 14.00
C CYS D 58 5.39 -26.07 13.55
N GLN D 59 4.13 -26.30 13.19
CA GLN D 59 3.28 -25.21 12.75
C GLN D 59 3.14 -24.09 13.78
N TYR D 60 2.99 -24.45 15.04
CA TYR D 60 2.86 -23.40 16.05
C TYR D 60 4.00 -22.39 15.95
N CYS D 61 5.24 -22.89 16.12
CA CYS D 61 6.47 -22.07 16.09
C CYS D 61 6.70 -21.36 14.76
N ARG D 62 6.27 -21.97 13.66
CA ARG D 62 6.40 -21.33 12.35
C ARG D 62 5.53 -20.10 12.44
N TYR D 63 4.22 -20.27 12.38
CA TYR D 63 3.31 -19.15 12.48
C TYR D 63 3.77 -18.15 13.54
N GLN D 64 4.00 -18.64 14.75
CA GLN D 64 4.43 -17.78 15.83
C GLN D 64 5.57 -16.85 15.43
N LYS D 65 6.55 -17.39 14.73
CA LYS D 65 7.69 -16.58 14.26
C LYS D 65 7.15 -15.53 13.28
N CYS D 66 6.31 -15.95 12.34
CA CYS D 66 5.73 -15.01 11.41
C CYS D 66 5.28 -13.75 12.15
N LEU D 67 4.47 -13.91 13.19
CA LEU D 67 4.03 -12.73 13.94
C LEU D 67 5.24 -12.00 14.45
N ALA D 68 6.10 -12.77 15.13
CA ALA D 68 7.34 -12.28 15.72
C ALA D 68 8.19 -11.43 14.75
N MET D 69 8.26 -11.84 13.48
CA MET D 69 9.03 -11.11 12.47
C MET D 69 8.25 -9.94 11.92
N GLY D 70 7.06 -9.72 12.50
CA GLY D 70 6.20 -8.63 12.06
C GLY D 70 5.16 -8.90 11.00
N MET D 71 4.69 -10.14 10.83
CA MET D 71 3.68 -10.27 9.81
C MET D 71 2.36 -9.81 10.42
N LYS D 72 1.61 -8.98 9.68
CA LYS D 72 0.32 -8.43 10.14
C LYS D 72 -0.84 -9.29 9.71
N ARG D 73 -1.84 -9.42 10.57
CA ARG D 73 -3.03 -10.23 10.27
C ARG D 73 -4.03 -9.45 9.40
N GLU D 74 -4.17 -8.14 9.68
CA GLU D 74 -5.08 -7.26 8.96
C GLU D 74 -4.58 -6.95 7.55
N ALA D 75 -3.37 -7.43 7.22
CA ALA D 75 -2.80 -7.22 5.90
C ALA D 75 -3.43 -8.27 4.97
N VAL D 76 -4.00 -9.31 5.58
CA VAL D 76 -4.66 -10.40 4.84
C VAL D 76 -6.13 -10.06 4.64
N GLN D 77 -6.67 -10.51 3.51
CA GLN D 77 -8.06 -10.19 3.18
C GLN D 77 -8.97 -11.38 2.94
ZN ZN E . 2.46 13.45 -1.42
ZN ZN F . -6.87 6.04 8.47
ZN ZN G . 10.13 -18.50 4.62
ZN ZN H . 7.22 -26.41 18.00
#